data_7IEZ
#
_entry.id   7IEZ
#
_cell.length_a   45.190
_cell.length_b   72.970
_cell.length_c   52.490
_cell.angle_alpha   90.00
_cell.angle_beta   109.27
_cell.angle_gamma   90.00
#
_symmetry.space_group_name_H-M   'P 1 21 1'
#
loop_
_entity.id
_entity.type
_entity.pdbx_description
1 polymer Endothiapepsin
2 non-polymer 1-methyl-N-[(5-methyl-1H-pyrazol-4-yl)methyl]-1H-pyrazol-3-amine
3 non-polymer 'DIMETHYL SULFOXIDE'
4 water water
#
_entity_poly.entity_id   1
_entity_poly.type   'polypeptide(L)'
_entity_poly.pdbx_seq_one_letter_code
;STGSATTTPIDSLDDAYITPVQIGTPAQTLNLDFDTGSSDLWVFSSETTASEVDGQTIYTPSKSTTAKLLSGATWSISYG
DGSSSSGDVYTDTVSVGGLTVTGQAVESAKKVSSSFTEDSTIDGLLGLAFSTLNTVSPTQQKTFFDNAKASLDSPVFTAD
LGYHAPGTYNFGFIDTTAYTGSITYTAVSTKQGFWEWTSTGYAVGSGTFKSTSIDGIADTGTTLLYLPATVVSAYWAQVS
GAKSSSSVGGYVFPCSATLPSFTFGVGSARIVIPGDYIDFGPISTGSSSCFGGIQSSAGIGINIFGDVALKAAFVVFNGA
TTPTLGFASK
;
_entity_poly.pdbx_strand_id   A
#
loop_
_chem_comp.id
_chem_comp.type
_chem_comp.name
_chem_comp.formula
A1CFM non-polymer 1-methyl-N-[(5-methyl-1H-pyrazol-4-yl)methyl]-1H-pyrazol-3-amine 'C9 H13 N5'
DMS non-polymer 'DIMETHYL SULFOXIDE' 'C2 H6 O S'
#
# COMPACT_ATOMS: atom_id res chain seq x y z
N SER A 1 9.13 -20.47 11.86
CA SER A 1 9.54 -20.09 10.48
C SER A 1 9.63 -18.57 10.35
N THR A 2 10.33 -18.15 9.31
CA THR A 2 10.41 -16.73 8.93
C THR A 2 10.39 -16.62 7.42
N GLY A 3 10.13 -15.42 6.92
CA GLY A 3 10.37 -15.10 5.51
C GLY A 3 10.90 -13.70 5.39
N SER A 4 11.57 -13.44 4.29
CA SER A 4 12.21 -12.13 4.02
C SER A 4 12.22 -11.89 2.53
N ALA A 5 11.56 -10.84 2.05
CA ALA A 5 11.48 -10.57 0.61
C ALA A 5 11.80 -9.10 0.39
N THR A 6 12.50 -8.83 -0.70
CA THR A 6 12.76 -7.46 -1.13
C THR A 6 11.54 -6.88 -1.83
N THR A 7 11.19 -5.63 -1.52
CA THR A 7 10.11 -4.87 -2.17
C THR A 7 10.72 -3.72 -2.96
N THR A 8 10.23 -3.49 -4.18
CA THR A 8 10.92 -2.60 -5.14
C THR A 8 9.89 -1.58 -5.62
N PRO A 9 10.25 -0.29 -5.66
N PRO A 9 10.24 -0.28 -5.63
N PRO A 9 10.14 -0.25 -5.65
N PRO A 9 10.19 -0.26 -5.66
CA PRO A 9 9.34 0.72 -6.17
CA PRO A 9 9.37 0.72 -6.20
CA PRO A 9 9.17 0.68 -6.23
CA PRO A 9 9.29 0.71 -6.31
C PRO A 9 9.09 0.42 -7.65
C PRO A 9 9.08 0.39 -7.67
C PRO A 9 8.87 0.38 -7.70
C PRO A 9 8.89 0.34 -7.75
N ILE A 10 7.84 0.58 -8.08
N ILE A 10 7.84 0.58 -8.08
N ILE A 10 7.64 0.63 -8.15
N ILE A 10 7.65 0.62 -8.15
CA ILE A 10 7.42 0.29 -9.48
CA ILE A 10 7.42 0.29 -9.48
CA ILE A 10 7.21 0.31 -9.54
CA ILE A 10 7.21 0.31 -9.54
C ILE A 10 7.91 1.37 -10.44
C ILE A 10 7.91 1.37 -10.44
C ILE A 10 7.70 1.39 -10.52
C ILE A 10 7.69 1.39 -10.51
N ASP A 11 8.26 2.55 -9.95
N ASP A 11 8.25 2.55 -9.94
N ASP A 11 8.09 2.57 -10.03
N ASP A 11 8.09 2.57 -10.03
CA ASP A 11 8.62 3.69 -10.83
CA ASP A 11 8.62 3.69 -10.83
CA ASP A 11 8.50 3.72 -10.87
CA ASP A 11 8.50 3.72 -10.87
C ASP A 11 9.46 4.67 -10.03
C ASP A 11 9.46 4.67 -10.03
C ASP A 11 9.39 4.67 -10.07
C ASP A 11 9.39 4.67 -10.07
N SER A 12 9.84 5.76 -10.70
CA SER A 12 10.77 6.74 -10.11
C SER A 12 10.12 7.59 -9.02
N LEU A 13 8.82 7.48 -8.82
CA LEU A 13 8.11 8.28 -7.81
C LEU A 13 7.73 7.47 -6.58
N ASP A 14 8.07 6.18 -6.53
N ASP A 14 8.08 6.19 -6.53
N ASP A 14 7.97 6.15 -6.59
N ASP A 14 7.97 6.15 -6.59
CA ASP A 14 7.65 5.27 -5.44
CA ASP A 14 7.65 5.27 -5.44
CA ASP A 14 7.47 5.20 -5.56
CA ASP A 14 7.47 5.20 -5.56
C ASP A 14 6.12 5.26 -5.39
C ASP A 14 6.12 5.26 -5.39
C ASP A 14 5.94 5.23 -5.53
C ASP A 14 5.94 5.23 -5.53
N ASP A 15 5.46 5.18 -6.53
N ASP A 15 5.46 5.18 -6.53
N ASP A 15 5.28 5.14 -6.69
N ASP A 15 5.28 5.14 -6.69
CA ASP A 15 3.96 5.19 -6.56
CA ASP A 15 3.96 5.19 -6.56
CA ASP A 15 3.80 5.16 -6.72
CA ASP A 15 3.80 5.16 -6.72
C ASP A 15 3.43 3.96 -5.82
C ASP A 15 3.43 3.96 -5.82
C ASP A 15 3.23 3.92 -6.03
C ASP A 15 3.23 3.92 -6.03
N ALA A 16 4.19 2.88 -5.85
N ALA A 16 4.19 2.88 -5.85
N ALA A 16 3.99 2.83 -6.02
N ALA A 16 3.99 2.83 -6.02
CA ALA A 16 3.82 1.62 -5.16
CA ALA A 16 3.82 1.62 -5.16
CA ALA A 16 3.65 1.58 -5.31
CA ALA A 16 3.65 1.58 -5.31
C ALA A 16 5.06 0.75 -5.18
C ALA A 16 5.06 0.75 -5.18
C ALA A 16 4.92 0.75 -5.23
C ALA A 16 4.92 0.75 -5.23
N TYR A 17 4.97 -0.36 -4.46
N TYR A 17 4.97 -0.36 -4.46
N TYR A 17 4.88 -0.36 -4.49
N TYR A 17 4.88 -0.36 -4.49
CA TYR A 17 6.07 -1.31 -4.31
CA TYR A 17 6.07 -1.31 -4.31
CA TYR A 17 6.01 -1.29 -4.31
CA TYR A 17 6.01 -1.29 -4.31
C TYR A 17 5.56 -2.70 -4.67
C TYR A 17 5.56 -2.70 -4.67
C TYR A 17 5.56 -2.70 -4.66
C TYR A 17 5.56 -2.70 -4.66
N ILE A 18 6.41 -3.45 -5.35
CA ILE A 18 6.09 -4.83 -5.72
C ILE A 18 7.07 -5.78 -5.06
N THR A 19 6.55 -6.94 -4.68
CA THR A 19 7.30 -7.96 -3.95
C THR A 19 7.05 -9.27 -4.68
N PRO A 20 8.08 -10.06 -5.02
CA PRO A 20 7.83 -11.31 -5.72
C PRO A 20 7.23 -12.34 -4.76
N VAL A 21 6.27 -13.08 -5.29
CA VAL A 21 5.50 -14.09 -4.55
C VAL A 21 5.42 -15.34 -5.41
N GLN A 22 5.77 -16.48 -4.82
CA GLN A 22 5.69 -17.79 -5.53
C GLN A 22 4.32 -18.42 -5.29
N ILE A 23 3.61 -18.74 -6.36
CA ILE A 23 2.27 -19.35 -6.25
C ILE A 23 2.28 -20.65 -7.03
N GLY A 24 1.83 -21.70 -6.40
CA GLY A 24 1.60 -22.96 -7.15
C GLY A 24 2.82 -23.86 -7.23
N THR A 25 2.61 -24.99 -7.92
CA THR A 25 3.66 -26.04 -8.05
C THR A 25 3.65 -26.54 -9.50
N PRO A 26 4.72 -26.39 -10.30
CA PRO A 26 5.91 -25.60 -9.95
C PRO A 26 5.55 -24.14 -9.73
N ALA A 27 6.45 -23.42 -9.06
CA ALA A 27 6.21 -22.03 -8.68
C ALA A 27 5.93 -21.17 -9.90
N GLN A 28 4.95 -20.30 -9.77
CA GLN A 28 4.68 -19.21 -10.71
C GLN A 28 4.96 -17.94 -9.92
N THR A 29 5.94 -17.14 -10.31
CA THR A 29 6.32 -15.96 -9.54
C THR A 29 5.61 -14.74 -10.12
N LEU A 30 4.81 -14.10 -9.26
CA LEU A 30 4.08 -12.88 -9.61
C LEU A 30 4.56 -11.77 -8.68
N ASN A 31 4.55 -10.55 -9.17
CA ASN A 31 4.99 -9.38 -8.41
C ASN A 31 3.76 -8.70 -7.87
N LEU A 32 3.59 -8.81 -6.55
N LEU A 32 3.59 -8.81 -6.55
N LEU A 32 3.55 -8.84 -6.56
N LEU A 32 3.55 -8.84 -6.56
CA LEU A 32 2.34 -8.36 -5.89
CA LEU A 32 2.34 -8.36 -5.89
CA LEU A 32 2.29 -8.38 -5.90
CA LEU A 32 2.29 -8.38 -5.90
C LEU A 32 2.58 -7.10 -5.06
C LEU A 32 2.58 -7.10 -5.06
C LEU A 32 2.57 -7.13 -5.07
C LEU A 32 2.57 -7.13 -5.07
N ASP A 33 1.55 -6.28 -5.03
N ASP A 33 1.55 -6.28 -5.03
N ASP A 33 1.54 -6.31 -4.92
N ASP A 33 1.54 -6.31 -4.92
CA ASP A 33 1.50 -5.06 -4.21
CA ASP A 33 1.50 -5.06 -4.21
CA ASP A 33 1.55 -5.08 -4.10
CA ASP A 33 1.55 -5.08 -4.10
C ASP A 33 1.01 -5.46 -2.81
C ASP A 33 1.01 -5.46 -2.81
C ASP A 33 1.08 -5.47 -2.71
C ASP A 33 1.08 -5.47 -2.71
N PHE A 34 1.91 -5.50 -1.86
N PHE A 34 1.91 -5.50 -1.86
N PHE A 34 2.00 -5.54 -1.75
N PHE A 34 2.00 -5.54 -1.75
CA PHE A 34 1.59 -5.84 -0.45
CA PHE A 34 1.59 -5.84 -0.45
CA PHE A 34 1.68 -5.88 -0.35
CA PHE A 34 1.68 -5.88 -0.35
C PHE A 34 0.84 -4.66 0.16
C PHE A 34 0.84 -4.66 0.16
C PHE A 34 0.89 -4.71 0.23
C PHE A 34 0.89 -4.71 0.23
N ASP A 35 -0.38 -4.91 0.62
N ASP A 35 -0.38 -4.91 0.62
N ASP A 35 -0.33 -4.97 0.65
N ASP A 35 -0.33 -4.97 0.65
CA ASP A 35 -1.35 -3.86 0.96
CA ASP A 35 -1.35 -3.86 0.96
CA ASP A 35 -1.29 -3.90 0.98
CA ASP A 35 -1.29 -3.90 0.98
C ASP A 35 -1.85 -4.08 2.39
C ASP A 35 -1.85 -4.08 2.39
C ASP A 35 -1.80 -4.09 2.40
C ASP A 35 -1.80 -4.09 2.40
N THR A 36 -1.31 -3.35 3.35
N THR A 36 -1.31 -3.35 3.35
N THR A 36 -1.25 -3.36 3.37
N THR A 36 -1.25 -3.36 3.37
CA THR A 36 -1.79 -3.45 4.76
CA THR A 36 -1.79 -3.45 4.76
CA THR A 36 -1.75 -3.44 4.78
CA THR A 36 -1.75 -3.44 4.78
C THR A 36 -3.14 -2.75 4.95
C THR A 36 -3.14 -2.75 4.95
C THR A 36 -3.11 -2.75 4.94
C THR A 36 -3.11 -2.75 4.94
N GLY A 37 -3.70 -2.18 3.88
CA GLY A 37 -5.03 -1.60 3.92
C GLY A 37 -6.10 -2.48 3.31
N SER A 38 -5.82 -3.71 2.93
CA SER A 38 -6.87 -4.63 2.41
C SER A 38 -6.49 -6.05 2.75
N SER A 39 -7.40 -6.98 2.46
CA SER A 39 -7.28 -8.33 3.05
C SER A 39 -7.51 -9.42 2.02
N ASP A 40 -7.36 -9.12 0.73
CA ASP A 40 -7.53 -10.10 -0.37
C ASP A 40 -6.18 -10.29 -1.03
N LEU A 41 -5.83 -11.53 -1.32
CA LEU A 41 -4.69 -11.87 -2.17
C LEU A 41 -5.29 -12.22 -3.52
N TRP A 42 -5.20 -11.30 -4.46
CA TRP A 42 -5.79 -11.53 -5.79
C TRP A 42 -4.74 -11.34 -6.85
N VAL A 43 -4.89 -12.03 -7.97
CA VAL A 43 -3.89 -12.04 -9.06
C VAL A 43 -4.54 -11.92 -10.40
N PHE A 44 -3.84 -11.29 -11.32
CA PHE A 44 -4.08 -11.48 -12.76
C PHE A 44 -3.90 -12.96 -13.04
N SER A 45 -4.73 -13.50 -13.93
CA SER A 45 -4.74 -14.95 -14.13
C SER A 45 -5.08 -15.26 -15.59
N SER A 46 -5.06 -16.55 -15.87
CA SER A 46 -5.55 -17.12 -17.16
C SER A 46 -7.04 -16.88 -17.32
N GLU A 47 -7.75 -16.52 -16.27
CA GLU A 47 -9.21 -16.26 -16.30
C GLU A 47 -9.48 -14.78 -16.55
N THR A 48 -8.49 -13.90 -16.45
CA THR A 48 -8.76 -12.45 -16.55
C THR A 48 -9.18 -12.12 -18.00
N THR A 49 -10.26 -11.38 -18.16
CA THR A 49 -10.69 -10.85 -19.49
C THR A 49 -9.46 -10.39 -20.29
N ALA A 50 -9.24 -10.93 -21.49
CA ALA A 50 -8.00 -10.74 -22.25
C ALA A 50 -7.72 -9.25 -22.49
N SER A 51 -8.75 -8.45 -22.82
CA SER A 51 -8.62 -7.01 -23.10
C SER A 51 -8.18 -6.21 -21.86
N GLU A 52 -8.25 -6.81 -20.68
CA GLU A 52 -7.92 -6.13 -19.39
C GLU A 52 -6.53 -6.54 -18.92
N VAL A 53 -5.83 -7.35 -19.66
CA VAL A 53 -4.42 -7.73 -19.35
C VAL A 53 -3.54 -6.97 -20.33
N ASP A 54 -2.57 -6.23 -19.84
CA ASP A 54 -1.61 -5.48 -20.68
C ASP A 54 -0.22 -5.55 -20.04
N GLY A 55 0.42 -6.69 -20.16
CA GLY A 55 1.83 -6.87 -19.78
C GLY A 55 2.00 -7.52 -18.41
N GLN A 56 0.91 -7.73 -17.64
CA GLN A 56 1.08 -8.40 -16.31
C GLN A 56 1.45 -9.86 -16.52
N THR A 57 2.15 -10.42 -15.54
CA THR A 57 2.36 -11.85 -15.42
C THR A 57 1.09 -12.46 -14.82
N ILE A 58 0.61 -13.55 -15.39
CA ILE A 58 -0.65 -14.18 -14.94
C ILE A 58 -0.34 -15.48 -14.21
N TYR A 59 -1.20 -15.76 -13.24
CA TYR A 59 -1.30 -17.07 -12.58
C TYR A 59 -2.20 -17.96 -13.43
N THR A 60 -1.72 -19.16 -13.74
CA THR A 60 -2.53 -20.16 -14.51
C THR A 60 -2.76 -21.36 -13.59
N PRO A 61 -3.92 -21.45 -12.90
CA PRO A 61 -4.10 -22.54 -11.94
C PRO A 61 -4.04 -23.93 -12.58
N SER A 62 -4.42 -24.03 -13.84
CA SER A 62 -4.41 -25.34 -14.50
C SER A 62 -2.99 -25.88 -14.63
N LYS A 63 -1.97 -25.04 -14.53
CA LYS A 63 -0.56 -25.48 -14.60
C LYS A 63 0.00 -25.78 -13.21
N SER A 64 -0.77 -25.62 -12.14
CA SER A 64 -0.29 -25.87 -10.77
C SER A 64 -0.89 -27.18 -10.28
N THR A 65 -0.03 -28.09 -9.87
CA THR A 65 -0.50 -29.42 -9.40
C THR A 65 -1.11 -29.30 -8.03
N THR A 66 -0.92 -28.17 -7.33
CA THR A 66 -1.45 -27.98 -5.96
C THR A 66 -2.67 -27.05 -5.97
N ALA A 67 -3.05 -26.50 -7.13
CA ALA A 67 -4.23 -25.62 -7.20
C ALA A 67 -5.50 -26.45 -7.08
N LYS A 68 -6.46 -25.93 -6.32
N LYS A 68 -6.46 -25.94 -6.31
N LYS A 68 -6.46 -25.93 -6.32
N LYS A 68 -6.46 -25.94 -6.31
CA LYS A 68 -7.81 -26.53 -6.18
CA LYS A 68 -7.82 -26.53 -6.22
CA LYS A 68 -7.81 -26.53 -6.18
CA LYS A 68 -7.82 -26.53 -6.22
C LYS A 68 -8.84 -25.39 -6.25
C LYS A 68 -8.84 -25.40 -6.26
C LYS A 68 -8.84 -25.39 -6.25
C LYS A 68 -8.84 -25.40 -6.26
N LEU A 69 -9.83 -25.52 -7.12
CA LEU A 69 -10.94 -24.56 -7.16
C LEU A 69 -11.58 -24.57 -5.78
N LEU A 70 -11.84 -23.40 -5.22
CA LEU A 70 -12.63 -23.28 -3.97
C LEU A 70 -14.07 -23.12 -4.46
N SER A 71 -14.78 -24.25 -4.48
N SER A 71 -14.79 -24.24 -4.52
N SER A 71 -14.78 -24.25 -4.48
N SER A 71 -14.79 -24.24 -4.52
CA SER A 71 -16.06 -24.36 -5.22
CA SER A 71 -16.06 -24.39 -5.27
CA SER A 71 -16.06 -24.36 -5.22
CA SER A 71 -16.06 -24.39 -5.27
C SER A 71 -17.08 -23.36 -4.70
C SER A 71 -17.12 -23.41 -4.72
C SER A 71 -17.08 -23.36 -4.70
C SER A 71 -17.12 -23.41 -4.72
N GLY A 72 -17.65 -22.54 -5.59
CA GLY A 72 -18.71 -21.60 -5.23
C GLY A 72 -18.24 -20.27 -4.76
N ALA A 73 -16.95 -20.14 -4.48
CA ALA A 73 -16.43 -18.91 -3.85
C ALA A 73 -16.18 -17.84 -4.91
N THR A 74 -16.66 -16.64 -4.63
CA THR A 74 -16.39 -15.46 -5.49
C THR A 74 -15.83 -14.36 -4.61
N TRP A 75 -15.31 -13.34 -5.27
CA TRP A 75 -14.80 -12.15 -4.56
C TRP A 75 -15.01 -10.93 -5.46
N SER A 76 -15.09 -9.81 -4.78
CA SER A 76 -15.29 -8.51 -5.46
C SER A 76 -14.85 -7.42 -4.50
N ILE A 77 -13.92 -6.57 -4.97
CA ILE A 77 -13.35 -5.54 -4.08
C ILE A 77 -13.27 -4.20 -4.81
N SER A 78 -13.56 -3.15 -4.04
N SER A 78 -13.56 -3.15 -4.04
N SER A 78 -13.34 -3.13 -4.02
N SER A 78 -13.34 -3.13 -4.02
CA SER A 78 -13.49 -1.72 -4.47
CA SER A 78 -13.49 -1.72 -4.47
CA SER A 78 -13.08 -1.73 -4.45
CA SER A 78 -13.08 -1.73 -4.45
C SER A 78 -12.52 -1.01 -3.53
C SER A 78 -12.52 -1.01 -3.53
C SER A 78 -12.04 -1.09 -3.52
C SER A 78 -12.04 -1.09 -3.52
N TYR A 79 -11.50 -0.37 -4.08
N TYR A 79 -11.50 -0.37 -4.08
N TYR A 79 -11.21 -0.18 -4.03
N TYR A 79 -11.21 -0.18 -4.03
CA TYR A 79 -10.45 0.34 -3.31
CA TYR A 79 -10.45 0.34 -3.31
CA TYR A 79 -10.17 0.52 -3.24
CA TYR A 79 -10.17 0.52 -3.24
C TYR A 79 -10.77 1.84 -3.24
C TYR A 79 -10.77 1.84 -3.24
C TYR A 79 -10.53 2.00 -3.16
C TYR A 79 -10.53 2.00 -3.16
N GLY A 80 -10.14 2.52 -2.28
N GLY A 80 -10.14 2.52 -2.28
N GLY A 80 -9.72 2.77 -2.43
N GLY A 80 -9.72 2.77 -2.43
CA GLY A 80 -10.35 3.95 -1.99
CA GLY A 80 -10.35 3.95 -1.99
CA GLY A 80 -9.98 4.18 -2.08
CA GLY A 80 -9.98 4.18 -2.08
C GLY A 80 -10.11 4.84 -3.20
C GLY A 80 -10.11 4.84 -3.20
C GLY A 80 -10.01 5.09 -3.29
C GLY A 80 -10.01 5.09 -3.29
N ASP A 81 -9.28 4.42 -4.16
N ASP A 81 -9.28 4.42 -4.16
N ASP A 81 -9.38 4.71 -4.40
N ASP A 81 -9.38 4.71 -4.40
CA ASP A 81 -8.96 5.20 -5.38
CA ASP A 81 -8.96 5.20 -5.38
CA ASP A 81 -9.29 5.51 -5.65
CA ASP A 81 -9.29 5.51 -5.65
C ASP A 81 -9.99 4.94 -6.49
C ASP A 81 -9.99 4.94 -6.49
C ASP A 81 -10.43 5.13 -6.60
C ASP A 81 -10.43 5.13 -6.60
N GLY A 82 -11.06 4.17 -6.20
N GLY A 82 -11.06 4.17 -6.20
N GLY A 82 -11.29 4.16 -6.23
N GLY A 82 -11.29 4.16 -6.23
CA GLY A 82 -12.11 3.88 -7.19
CA GLY A 82 -12.11 3.88 -7.19
CA GLY A 82 -12.42 3.72 -7.05
CA GLY A 82 -12.42 3.72 -7.05
C GLY A 82 -11.77 2.71 -8.10
C GLY A 82 -11.77 2.71 -8.10
C GLY A 82 -12.07 2.55 -7.95
C GLY A 82 -12.07 2.55 -7.95
N SER A 83 -10.63 2.03 -7.89
N SER A 83 -10.63 2.03 -7.89
N SER A 83 -10.82 2.06 -7.92
N SER A 83 -10.82 2.06 -7.92
CA SER A 83 -10.26 0.83 -8.67
CA SER A 83 -10.26 0.83 -8.67
CA SER A 83 -10.39 0.88 -8.71
CA SER A 83 -10.39 0.88 -8.71
C SER A 83 -11.01 -0.37 -8.10
C SER A 83 -11.01 -0.37 -8.10
C SER A 83 -11.05 -0.37 -8.10
C SER A 83 -11.05 -0.37 -8.10
N SER A 84 -11.07 -1.45 -8.85
N SER A 84 -11.07 -1.45 -8.85
N SER A 84 -11.18 -1.42 -8.89
N SER A 84 -11.18 -1.42 -8.89
CA SER A 84 -11.85 -2.65 -8.44
CA SER A 84 -11.85 -2.65 -8.44
CA SER A 84 -11.92 -2.63 -8.48
CA SER A 84 -11.92 -2.63 -8.48
C SER A 84 -11.38 -3.86 -9.23
C SER A 84 -11.38 -3.86 -9.23
C SER A 84 -11.40 -3.86 -9.23
C SER A 84 -11.40 -3.86 -9.23
N SER A 85 -11.73 -5.04 -8.71
CA SER A 85 -11.44 -6.32 -9.34
C SER A 85 -12.38 -7.36 -8.73
N SER A 86 -12.57 -8.44 -9.45
CA SER A 86 -13.47 -9.50 -8.98
C SER A 86 -13.14 -10.79 -9.72
N GLY A 87 -13.63 -11.90 -9.15
CA GLY A 87 -13.40 -13.19 -9.81
C GLY A 87 -13.81 -14.35 -8.94
N ASP A 88 -13.11 -15.47 -9.14
CA ASP A 88 -13.32 -16.73 -8.39
C ASP A 88 -12.07 -17.07 -7.61
N VAL A 89 -12.02 -18.23 -6.98
CA VAL A 89 -11.02 -18.47 -5.93
C VAL A 89 -10.45 -19.86 -6.10
N TYR A 90 -9.14 -19.98 -5.94
CA TYR A 90 -8.41 -21.26 -5.82
C TYR A 90 -7.74 -21.28 -4.48
N THR A 91 -7.47 -22.46 -3.96
CA THR A 91 -6.45 -22.59 -2.90
C THR A 91 -5.19 -23.11 -3.56
N ASP A 92 -4.05 -22.66 -3.04
CA ASP A 92 -2.76 -23.12 -3.58
C ASP A 92 -1.68 -22.82 -2.55
N THR A 93 -0.49 -23.30 -2.86
CA THR A 93 0.71 -23.03 -2.05
C THR A 93 1.26 -21.67 -2.42
N VAL A 94 1.51 -20.82 -1.43
CA VAL A 94 2.00 -19.45 -1.65
C VAL A 94 3.22 -19.28 -0.76
N SER A 95 4.33 -18.84 -1.36
CA SER A 95 5.57 -18.59 -0.58
C SER A 95 5.98 -17.14 -0.78
N VAL A 96 6.43 -16.53 0.29
CA VAL A 96 6.98 -15.16 0.29
C VAL A 96 8.31 -15.23 0.96
N GLY A 97 9.38 -14.97 0.23
CA GLY A 97 10.70 -14.82 0.86
C GLY A 97 11.10 -16.05 1.64
N GLY A 98 10.71 -17.23 1.19
CA GLY A 98 11.09 -18.50 1.86
C GLY A 98 10.05 -19.00 2.86
N LEU A 99 9.01 -18.24 3.16
CA LEU A 99 7.93 -18.64 4.07
C LEU A 99 6.76 -19.17 3.27
N THR A 100 6.33 -20.39 3.53
CA THR A 100 5.33 -21.09 2.71
C THR A 100 4.05 -21.29 3.48
N VAL A 101 2.93 -20.97 2.86
CA VAL A 101 1.58 -21.30 3.36
C VAL A 101 0.94 -22.24 2.37
N THR A 102 0.48 -23.38 2.86
CA THR A 102 -0.35 -24.27 2.03
C THR A 102 -1.83 -23.92 2.20
N GLY A 103 -2.63 -24.11 1.18
CA GLY A 103 -4.07 -23.87 1.27
C GLY A 103 -4.41 -22.41 1.31
N GLN A 104 -3.55 -21.53 0.83
CA GLN A 104 -3.88 -20.09 0.79
C GLN A 104 -4.95 -19.83 -0.26
N ALA A 105 -5.93 -19.01 0.06
CA ALA A 105 -6.89 -18.52 -0.93
C ALA A 105 -6.18 -17.57 -1.88
N VAL A 106 -6.17 -17.93 -3.15
CA VAL A 106 -5.61 -17.13 -4.26
C VAL A 106 -6.79 -16.72 -5.11
N GLU A 107 -7.13 -15.45 -5.06
CA GLU A 107 -8.35 -14.93 -5.72
C GLU A 107 -8.00 -14.59 -7.15
N SER A 108 -8.54 -15.31 -8.09
CA SER A 108 -8.22 -15.20 -9.52
C SER A 108 -9.13 -14.17 -10.14
N ALA A 109 -8.57 -13.10 -10.72
CA ALA A 109 -9.38 -12.03 -11.33
C ALA A 109 -9.99 -12.50 -12.63
N LYS A 110 -11.30 -12.35 -12.71
CA LYS A 110 -11.99 -12.39 -14.02
C LYS A 110 -12.07 -10.98 -14.61
N LYS A 111 -12.20 -9.97 -13.79
CA LYS A 111 -12.34 -8.57 -14.24
C LYS A 111 -11.46 -7.71 -13.37
N VAL A 112 -10.79 -6.74 -14.00
CA VAL A 112 -10.05 -5.69 -13.26
C VAL A 112 -10.41 -4.33 -13.86
N SER A 113 -10.37 -3.30 -13.07
CA SER A 113 -10.64 -1.92 -13.57
C SER A 113 -9.43 -1.40 -14.32
N SER A 114 -9.69 -0.35 -15.10
N SER A 114 -9.69 -0.35 -15.10
N SER A 114 -9.59 -0.22 -14.93
N SER A 114 -9.59 -0.22 -14.93
CA SER A 114 -8.72 0.19 -16.09
CA SER A 114 -8.72 0.19 -16.09
CA SER A 114 -8.58 0.42 -15.81
CA SER A 114 -8.58 0.42 -15.81
C SER A 114 -7.38 0.49 -15.41
C SER A 114 -7.38 0.49 -15.41
C SER A 114 -7.26 0.69 -15.08
C SER A 114 -7.26 0.69 -15.08
N SER A 115 -7.37 1.02 -14.18
N SER A 115 -7.37 1.02 -14.18
N SER A 115 -7.28 1.16 -13.83
N SER A 115 -7.28 1.16 -13.83
CA SER A 115 -6.10 1.40 -13.49
CA SER A 115 -6.10 1.40 -13.49
CA SER A 115 -6.02 1.53 -13.12
CA SER A 115 -6.02 1.53 -13.12
C SER A 115 -5.21 0.16 -13.35
C SER A 115 -5.21 0.16 -13.35
C SER A 115 -5.15 0.29 -12.91
C SER A 115 -5.15 0.29 -12.91
N PHE A 116 -5.80 -1.02 -13.11
N PHE A 116 -5.80 -1.02 -13.11
N PHE A 116 -5.75 -0.89 -12.69
N PHE A 116 -5.75 -0.89 -12.69
CA PHE A 116 -4.99 -2.25 -12.94
CA PHE A 116 -4.99 -2.25 -12.94
CA PHE A 116 -4.99 -2.15 -12.56
CA PHE A 116 -4.99 -2.15 -12.56
C PHE A 116 -4.44 -2.67 -14.31
C PHE A 116 -4.44 -2.67 -14.31
C PHE A 116 -4.42 -2.53 -13.92
C PHE A 116 -4.42 -2.53 -13.92
N THR A 117 -5.28 -2.67 -15.35
N THR A 117 -5.28 -2.67 -15.35
N THR A 117 -5.23 -2.41 -14.97
N THR A 117 -5.23 -2.41 -14.97
CA THR A 117 -4.84 -3.03 -16.72
CA THR A 117 -4.84 -3.03 -16.72
CA THR A 117 -4.78 -2.71 -16.36
CA THR A 117 -4.78 -2.71 -16.36
C THR A 117 -3.68 -2.15 -17.12
C THR A 117 -3.68 -2.15 -17.12
C THR A 117 -3.56 -1.85 -16.72
C THR A 117 -3.56 -1.85 -16.72
N GLU A 118 -3.79 -0.85 -16.81
N GLU A 118 -3.79 -0.85 -16.81
N GLU A 118 -3.57 -0.57 -16.31
N GLU A 118 -3.57 -0.57 -16.31
CA GLU A 118 -2.84 0.20 -17.27
CA GLU A 118 -2.84 0.20 -17.27
CA GLU A 118 -2.49 0.42 -16.61
CA GLU A 118 -2.49 0.42 -16.61
C GLU A 118 -1.52 0.11 -16.51
C GLU A 118 -1.52 0.11 -16.51
C GLU A 118 -1.22 0.11 -15.79
C GLU A 118 -1.22 0.11 -15.79
N ASP A 119 -1.46 -0.63 -15.41
N ASP A 119 -1.46 -0.63 -15.41
N ASP A 119 -1.36 -0.49 -14.61
N ASP A 119 -1.36 -0.49 -14.61
CA ASP A 119 -0.20 -0.75 -14.63
CA ASP A 119 -0.20 -0.75 -14.63
CA ASP A 119 -0.21 -0.82 -13.73
CA ASP A 119 -0.21 -0.82 -13.73
C ASP A 119 0.37 -2.15 -14.89
C ASP A 119 0.37 -2.15 -14.89
C ASP A 119 0.41 -2.13 -14.23
C ASP A 119 0.41 -2.13 -14.23
N SER A 120 1.29 -2.26 -15.84
N SER A 120 1.29 -2.26 -15.84
N SER A 120 1.13 -2.10 -15.37
N SER A 120 1.13 -2.10 -15.37
CA SER A 120 1.88 -3.55 -16.27
CA SER A 120 1.88 -3.55 -16.27
CA SER A 120 1.72 -3.29 -16.04
CA SER A 120 1.72 -3.29 -16.04
C SER A 120 2.77 -4.12 -15.17
C SER A 120 2.77 -4.12 -15.17
C SER A 120 2.68 -4.03 -15.10
C SER A 120 2.68 -4.03 -15.10
N THR A 121 3.14 -3.30 -14.18
N THR A 121 3.14 -3.30 -14.18
N THR A 121 3.27 -3.35 -14.12
N THR A 121 3.27 -3.35 -14.12
CA THR A 121 4.15 -3.66 -13.16
CA THR A 121 4.15 -3.66 -13.16
CA THR A 121 4.26 -3.92 -13.17
CA THR A 121 4.26 -3.92 -13.17
C THR A 121 3.53 -4.41 -11.98
C THR A 121 3.53 -4.41 -11.98
C THR A 121 3.56 -4.61 -12.00
C THR A 121 3.56 -4.61 -12.00
N ILE A 122 2.21 -4.36 -11.80
N ILE A 122 2.21 -4.36 -11.80
N ILE A 122 2.26 -4.44 -11.80
N ILE A 122 2.26 -4.44 -11.80
CA ILE A 122 1.57 -4.95 -10.60
CA ILE A 122 1.57 -4.95 -10.60
CA ILE A 122 1.53 -5.02 -10.64
CA ILE A 122 1.53 -5.02 -10.64
C ILE A 122 0.70 -6.11 -11.03
C ILE A 122 0.70 -6.11 -11.03
C ILE A 122 0.72 -6.23 -11.13
C ILE A 122 0.72 -6.23 -11.13
N ASP A 123 1.06 -7.31 -10.59
N ASP A 123 1.06 -7.31 -10.59
N ASP A 123 1.10 -7.43 -10.69
N ASP A 123 1.10 -7.43 -10.69
CA ASP A 123 0.40 -8.57 -11.04
CA ASP A 123 0.40 -8.57 -11.04
CA ASP A 123 0.45 -8.68 -11.12
CA ASP A 123 0.45 -8.68 -11.12
C ASP A 123 -0.74 -8.92 -10.09
C ASP A 123 -0.74 -8.92 -10.09
C ASP A 123 -0.71 -9.02 -10.17
C ASP A 123 -0.71 -9.02 -10.17
N GLY A 124 -0.99 -8.12 -9.07
N GLY A 124 -0.99 -8.12 -9.07
N GLY A 124 -0.91 -8.23 -9.13
N GLY A 124 -0.91 -8.23 -9.13
CA GLY A 124 -2.02 -8.40 -8.07
CA GLY A 124 -2.02 -8.40 -8.07
CA GLY A 124 -2.02 -8.42 -8.19
CA GLY A 124 -2.02 -8.42 -8.19
C GLY A 124 -1.65 -7.81 -6.73
C GLY A 124 -1.65 -7.81 -6.73
C GLY A 124 -1.66 -7.84 -6.84
C GLY A 124 -1.66 -7.84 -6.84
N LEU A 125 -2.53 -8.00 -5.75
N LEU A 125 -2.53 -8.00 -5.75
N LEU A 125 -2.50 -8.11 -5.85
N LEU A 125 -2.50 -8.11 -5.85
CA LEU A 125 -2.35 -7.45 -4.38
CA LEU A 125 -2.35 -7.45 -4.38
CA LEU A 125 -2.35 -7.55 -4.49
CA LEU A 125 -2.35 -7.55 -4.49
C LEU A 125 -2.24 -8.61 -3.42
C LEU A 125 -2.24 -8.61 -3.42
C LEU A 125 -2.26 -8.69 -3.49
C LEU A 125 -2.26 -8.69 -3.49
N LEU A 126 -1.47 -8.39 -2.37
N LEU A 126 -1.47 -8.39 -2.37
N LEU A 126 -1.51 -8.46 -2.43
N LEU A 126 -1.51 -8.46 -2.43
CA LEU A 126 -1.44 -9.33 -1.23
CA LEU A 126 -1.44 -9.33 -1.23
CA LEU A 126 -1.48 -9.38 -1.27
CA LEU A 126 -1.48 -9.38 -1.27
C LEU A 126 -1.86 -8.55 0.00
C LEU A 126 -1.86 -8.55 0.00
C LEU A 126 -1.87 -8.59 -0.04
C LEU A 126 -1.87 -8.59 -0.04
N GLY A 127 -3.09 -8.80 0.45
CA GLY A 127 -3.64 -8.02 1.56
C GLY A 127 -3.07 -8.43 2.90
N LEU A 128 -2.79 -7.46 3.76
CA LEU A 128 -2.15 -7.69 5.07
C LEU A 128 -2.91 -6.94 6.15
N ALA A 129 -4.14 -6.46 5.85
CA ALA A 129 -5.04 -5.95 6.90
C ALA A 129 -5.71 -7.19 7.54
N PHE A 130 -6.67 -6.98 8.43
CA PHE A 130 -7.26 -8.07 9.22
C PHE A 130 -8.22 -8.84 8.31
N SER A 131 -8.32 -10.15 8.58
CA SER A 131 -9.09 -11.06 7.69
C SER A 131 -10.58 -10.76 7.70
N THR A 132 -11.06 -10.00 8.68
CA THR A 132 -12.46 -9.55 8.71
C THR A 132 -12.82 -8.71 7.49
N LEU A 133 -11.83 -8.11 6.78
CA LEU A 133 -12.15 -7.36 5.53
C LEU A 133 -12.08 -8.21 4.26
N ASN A 134 -11.73 -9.49 4.36
CA ASN A 134 -11.60 -10.29 3.15
C ASN A 134 -12.95 -10.37 2.44
N THR A 135 -12.99 -10.28 1.14
CA THR A 135 -14.27 -10.17 0.40
C THR A 135 -14.79 -11.52 -0.08
N VAL A 136 -14.10 -12.61 0.14
CA VAL A 136 -14.58 -13.89 -0.44
C VAL A 136 -15.92 -14.29 0.17
N SER A 137 -16.84 -14.65 -0.69
CA SER A 137 -18.20 -15.09 -0.34
C SER A 137 -18.41 -16.45 -0.97
N PRO A 138 -19.17 -17.37 -0.31
CA PRO A 138 -19.83 -17.16 0.97
C PRO A 138 -19.00 -17.48 2.21
N THR A 139 -17.76 -17.91 2.02
CA THR A 139 -16.88 -18.34 3.12
C THR A 139 -15.69 -17.39 3.07
N GLN A 140 -15.64 -16.49 4.03
CA GLN A 140 -14.56 -15.49 4.09
C GLN A 140 -13.26 -16.25 4.30
N GLN A 141 -12.18 -15.76 3.66
CA GLN A 141 -10.84 -16.39 3.68
C GLN A 141 -9.87 -15.57 4.52
N LYS A 142 -8.83 -16.24 4.95
CA LYS A 142 -7.74 -15.64 5.75
C LYS A 142 -6.64 -15.06 4.86
N THR A 143 -6.03 -13.98 5.36
CA THR A 143 -4.81 -13.43 4.71
C THR A 143 -3.65 -14.41 4.82
N PHE A 144 -2.66 -14.15 4.00
CA PHE A 144 -1.38 -14.89 4.04
C PHE A 144 -0.79 -14.80 5.43
N PHE A 145 -0.78 -13.61 6.04
CA PHE A 145 -0.21 -13.45 7.39
C PHE A 145 -1.01 -14.23 8.42
N ASP A 146 -2.31 -14.17 8.34
CA ASP A 146 -3.15 -14.92 9.31
C ASP A 146 -2.89 -16.41 9.16
N ASN A 147 -2.78 -16.93 7.95
CA ASN A 147 -2.47 -18.37 7.75
C ASN A 147 -1.07 -18.70 8.23
N ALA A 148 -0.10 -17.82 8.07
CA ALA A 148 1.29 -18.10 8.45
C ALA A 148 1.55 -17.98 9.95
N LYS A 149 0.74 -17.20 10.68
N LYS A 149 0.72 -17.20 10.64
N LYS A 149 0.74 -17.20 10.68
N LYS A 149 0.72 -17.20 10.64
CA LYS A 149 1.19 -16.59 11.96
CA LYS A 149 1.00 -16.63 11.98
CA LYS A 149 1.19 -16.59 11.96
CA LYS A 149 1.00 -16.63 11.98
C LYS A 149 1.44 -17.64 13.05
C LYS A 149 1.50 -17.71 12.95
C LYS A 149 1.44 -17.64 13.05
C LYS A 149 1.50 -17.71 12.95
N ALA A 150 0.74 -18.79 13.05
CA ALA A 150 0.96 -19.83 14.08
C ALA A 150 2.34 -20.45 13.85
N SER A 151 2.82 -20.54 12.61
CA SER A 151 4.12 -21.13 12.20
C SER A 151 5.28 -20.15 12.42
N LEU A 152 5.01 -18.88 12.52
CA LEU A 152 6.10 -17.89 12.58
C LEU A 152 6.82 -17.91 13.94
N ASP A 153 8.07 -17.54 13.94
CA ASP A 153 8.86 -17.48 15.20
C ASP A 153 8.20 -16.49 16.15
N SER A 154 7.70 -15.38 15.61
N SER A 154 7.78 -15.34 15.60
N SER A 154 7.70 -15.38 15.61
N SER A 154 7.78 -15.34 15.60
CA SER A 154 6.99 -14.30 16.34
CA SER A 154 7.01 -14.29 16.31
CA SER A 154 6.99 -14.30 16.34
CA SER A 154 7.01 -14.29 16.31
C SER A 154 5.86 -13.85 15.42
C SER A 154 5.86 -13.85 15.42
C SER A 154 5.86 -13.85 15.42
C SER A 154 5.86 -13.85 15.42
N PRO A 155 4.65 -13.56 15.96
CA PRO A 155 3.50 -13.28 15.14
C PRO A 155 3.49 -11.84 14.62
N VAL A 156 4.47 -11.53 13.78
CA VAL A 156 4.73 -10.15 13.32
C VAL A 156 5.13 -10.18 11.86
N PHE A 157 4.93 -9.04 11.21
CA PHE A 157 5.65 -8.76 9.96
C PHE A 157 6.09 -7.31 10.04
N THR A 158 7.11 -6.98 9.25
CA THR A 158 7.66 -5.62 9.26
C THR A 158 7.73 -5.10 7.83
N ALA A 159 7.49 -3.80 7.70
CA ALA A 159 7.60 -3.08 6.42
C ALA A 159 8.73 -2.10 6.56
N ASP A 160 9.70 -2.17 5.66
CA ASP A 160 10.87 -1.32 5.59
C ASP A 160 10.93 -0.82 4.15
N LEU A 161 10.11 0.18 3.82
CA LEU A 161 10.01 0.66 2.42
C LEU A 161 11.13 1.64 2.17
N GLY A 162 11.70 1.59 0.98
CA GLY A 162 12.76 2.51 0.56
C GLY A 162 12.26 3.77 -0.06
N TYR A 163 13.02 4.84 0.04
CA TYR A 163 12.82 6.08 -0.72
C TYR A 163 13.60 5.96 -2.00
N HIS A 164 12.93 5.84 -3.11
CA HIS A 164 13.58 5.71 -4.43
C HIS A 164 14.60 4.59 -4.39
N ALA A 165 14.27 3.47 -3.72
CA ALA A 165 15.21 2.37 -3.49
C ALA A 165 14.41 1.19 -3.01
N PRO A 166 14.93 -0.02 -3.20
CA PRO A 166 14.29 -1.21 -2.66
C PRO A 166 14.31 -1.18 -1.13
N GLY A 167 13.42 -2.01 -0.58
CA GLY A 167 13.27 -2.22 0.86
C GLY A 167 12.92 -3.64 1.11
N THR A 168 12.36 -3.93 2.28
CA THR A 168 12.15 -5.31 2.72
C THR A 168 10.83 -5.48 3.46
N TYR A 169 10.17 -6.60 3.21
CA TYR A 169 9.09 -7.16 4.05
C TYR A 169 9.65 -8.39 4.72
N ASN A 170 9.65 -8.38 6.05
CA ASN A 170 10.02 -9.59 6.84
C ASN A 170 8.81 -10.13 7.56
N PHE A 171 8.74 -11.44 7.68
CA PHE A 171 7.67 -12.16 8.39
C PHE A 171 8.32 -13.00 9.49
N GLY A 172 7.84 -12.83 10.71
CA GLY A 172 8.21 -13.71 11.81
C GLY A 172 9.36 -13.27 12.61
N PHE A 173 9.99 -12.14 12.32
CA PHE A 173 11.12 -11.66 13.13
C PHE A 173 11.31 -10.19 12.90
N ILE A 174 11.99 -9.55 13.85
N ILE A 174 11.92 -9.55 13.89
N ILE A 174 11.99 -9.55 13.85
N ILE A 174 11.92 -9.55 13.89
CA ILE A 174 12.32 -8.11 13.78
CA ILE A 174 12.41 -8.15 13.85
CA ILE A 174 12.32 -8.11 13.78
CA ILE A 174 12.41 -8.15 13.85
C ILE A 174 13.84 -7.99 13.60
C ILE A 174 13.90 -8.17 13.50
C ILE A 174 13.84 -7.99 13.60
C ILE A 174 13.90 -8.17 13.50
N ASP A 175 14.27 -7.47 12.44
CA ASP A 175 15.71 -7.32 12.10
C ASP A 175 16.20 -6.12 12.88
N THR A 176 16.91 -6.36 14.01
CA THR A 176 17.39 -5.27 14.87
C THR A 176 18.48 -4.47 14.18
N THR A 177 19.00 -4.84 13.02
CA THR A 177 19.99 -4.08 12.25
C THR A 177 19.32 -3.10 11.28
N ALA A 178 18.01 -3.13 11.15
CA ALA A 178 17.32 -2.41 10.06
C ALA A 178 16.82 -1.06 10.54
N TYR A 179 17.02 -0.69 11.80
CA TYR A 179 16.50 0.60 12.31
C TYR A 179 17.48 1.16 13.32
N THR A 180 17.30 2.44 13.63
CA THR A 180 18.15 3.16 14.59
C THR A 180 17.32 3.36 15.83
N GLY A 181 17.99 3.51 16.98
CA GLY A 181 17.28 3.81 18.23
C GLY A 181 16.37 2.65 18.62
N SER A 182 15.23 2.99 19.20
N SER A 182 15.24 3.00 19.22
N SER A 182 15.23 2.99 19.20
N SER A 182 15.24 3.00 19.22
CA SER A 182 14.28 1.98 19.71
CA SER A 182 14.24 2.03 19.73
CA SER A 182 14.28 1.98 19.71
CA SER A 182 14.24 2.03 19.73
C SER A 182 12.97 2.03 18.91
C SER A 182 13.01 1.99 18.83
C SER A 182 12.97 2.03 18.91
C SER A 182 13.01 1.99 18.83
N ILE A 183 12.21 0.95 18.98
CA ILE A 183 10.89 0.85 18.33
C ILE A 183 9.89 1.34 19.36
N THR A 184 9.04 2.30 19.01
CA THR A 184 7.93 2.75 19.87
C THR A 184 6.67 2.09 19.43
N TYR A 185 6.04 1.35 20.31
CA TYR A 185 4.80 0.65 20.05
C TYR A 185 3.60 1.50 20.46
N THR A 186 2.55 1.33 19.75
CA THR A 186 1.30 2.11 19.92
C THR A 186 0.11 1.21 19.71
N ALA A 187 -1.00 1.52 20.37
CA ALA A 187 -2.20 0.69 20.32
C ALA A 187 -2.84 0.69 18.94
N VAL A 188 -3.49 -0.41 18.65
CA VAL A 188 -4.23 -0.62 17.39
C VAL A 188 -5.68 -0.92 17.70
N SER A 189 -6.59 -0.32 16.97
CA SER A 189 -7.99 -0.74 16.92
C SER A 189 -8.17 -1.59 15.68
N THR A 190 -8.78 -2.76 15.81
CA THR A 190 -9.13 -3.61 14.67
C THR A 190 -10.61 -3.45 14.30
N LYS A 191 -11.30 -2.49 14.88
CA LYS A 191 -12.78 -2.40 14.74
C LYS A 191 -13.18 -2.17 13.27
N GLN A 192 -12.36 -1.52 12.44
CA GLN A 192 -12.68 -1.29 11.03
C GLN A 192 -11.86 -2.25 10.15
N GLY A 193 -11.16 -3.21 10.74
CA GLY A 193 -10.38 -4.20 9.99
C GLY A 193 -9.02 -3.70 9.57
N PHE A 194 -8.62 -2.50 9.98
CA PHE A 194 -7.34 -1.89 9.53
C PHE A 194 -6.37 -1.89 10.69
N TRP A 195 -5.10 -1.60 10.36
CA TRP A 195 -4.06 -1.28 11.33
C TRP A 195 -4.25 0.17 11.72
N GLU A 196 -5.26 0.43 12.55
CA GLU A 196 -5.72 1.78 12.90
C GLU A 196 -5.09 2.17 14.21
N TRP A 197 -4.50 3.35 14.26
CA TRP A 197 -3.75 3.83 15.42
C TRP A 197 -3.95 5.33 15.56
N THR A 198 -3.42 5.91 16.61
CA THR A 198 -3.57 7.35 16.86
C THR A 198 -2.22 7.99 17.02
N SER A 199 -1.84 8.80 16.05
CA SER A 199 -0.64 9.63 16.14
C SER A 199 -0.85 10.71 17.20
N THR A 200 0.23 11.08 17.84
CA THR A 200 0.17 12.07 18.93
C THR A 200 0.41 13.49 18.45
N GLY A 201 0.66 13.72 17.15
CA GLY A 201 0.70 15.09 16.64
C GLY A 201 1.67 15.24 15.50
N TYR A 202 2.04 16.48 15.20
CA TYR A 202 2.87 16.73 14.04
C TYR A 202 3.66 18.00 14.21
N ALA A 203 4.66 18.13 13.34
CA ALA A 203 5.39 19.40 13.17
C ALA A 203 5.62 19.57 11.69
N VAL A 204 5.74 20.83 11.28
CA VAL A 204 6.13 21.19 9.90
C VAL A 204 7.53 21.74 9.90
N GLY A 205 8.45 21.18 9.16
CA GLY A 205 9.83 21.66 9.13
C GLY A 205 10.39 21.73 10.51
N SER A 206 11.06 22.84 10.80
N SER A 206 11.07 22.85 10.81
N SER A 206 11.06 22.84 10.80
N SER A 206 11.07 22.85 10.81
CA SER A 206 11.73 23.08 12.11
CA SER A 206 11.73 23.13 12.11
CA SER A 206 11.73 23.08 12.11
CA SER A 206 11.73 23.13 12.11
C SER A 206 10.72 23.68 13.10
C SER A 206 10.72 23.70 13.11
C SER A 206 10.72 23.68 13.10
C SER A 206 10.72 23.70 13.11
N GLY A 207 9.43 23.73 12.76
CA GLY A 207 8.38 24.29 13.61
C GLY A 207 8.14 23.50 14.90
N THR A 208 7.40 24.11 15.81
CA THR A 208 7.09 23.45 17.10
C THR A 208 6.13 22.29 16.84
N PHE A 209 6.24 21.28 17.66
CA PHE A 209 5.36 20.12 17.60
C PHE A 209 4.01 20.48 18.18
N LYS A 210 2.96 20.17 17.44
CA LYS A 210 1.57 20.34 17.86
C LYS A 210 1.05 19.01 18.39
N SER A 211 0.76 18.94 19.68
CA SER A 211 0.17 17.75 20.30
C SER A 211 -1.29 17.68 19.96
N THR A 212 -1.70 16.67 19.24
CA THR A 212 -3.06 16.51 18.78
C THR A 212 -3.23 15.06 18.33
N SER A 213 -4.35 14.46 18.67
CA SER A 213 -4.64 13.05 18.33
C SER A 213 -5.07 12.96 16.90
N ILE A 214 -4.40 12.14 16.09
CA ILE A 214 -4.79 11.95 14.68
C ILE A 214 -4.96 10.44 14.48
N ASP A 215 -6.21 9.99 14.45
N ASP A 215 -6.21 10.00 14.42
N ASP A 215 -6.21 9.99 14.45
N ASP A 215 -6.21 10.00 14.42
CA ASP A 215 -6.59 8.58 14.18
CA ASP A 215 -6.55 8.59 14.18
CA ASP A 215 -6.59 8.58 14.18
CA ASP A 215 -6.55 8.59 14.18
C ASP A 215 -6.35 8.28 12.70
C ASP A 215 -6.36 8.27 12.70
C ASP A 215 -6.35 8.28 12.70
C ASP A 215 -6.36 8.27 12.70
N GLY A 216 -5.63 7.20 12.37
CA GLY A 216 -5.50 6.85 10.96
C GLY A 216 -5.02 5.43 10.80
N ILE A 217 -4.80 5.04 9.56
CA ILE A 217 -4.39 3.64 9.30
C ILE A 217 -3.00 3.60 8.69
N ALA A 218 -2.25 2.58 9.04
CA ALA A 218 -0.95 2.29 8.43
C ALA A 218 -1.24 1.49 7.18
N ASP A 219 -1.05 2.07 5.98
CA ASP A 219 -1.53 1.49 4.72
C ASP A 219 -0.43 1.51 3.67
N THR A 220 0.23 0.38 3.49
N THR A 220 0.23 0.38 3.49
N THR A 220 0.31 0.42 3.59
N THR A 220 0.31 0.42 3.59
CA THR A 220 1.33 0.25 2.51
CA THR A 220 1.33 0.25 2.51
CA THR A 220 1.39 0.29 2.59
CA THR A 220 1.39 0.29 2.59
C THR A 220 0.81 0.38 1.06
C THR A 220 0.81 0.38 1.06
C THR A 220 0.81 0.33 1.17
C THR A 220 0.81 0.33 1.17
N GLY A 221 -0.48 0.13 0.83
N GLY A 221 -0.48 0.13 0.83
N GLY A 221 -0.49 0.09 1.02
N GLY A 221 -0.49 0.09 1.02
CA GLY A 221 -1.06 0.12 -0.52
CA GLY A 221 -1.06 0.12 -0.52
CA GLY A 221 -1.16 0.10 -0.29
CA GLY A 221 -1.16 0.10 -0.29
C GLY A 221 -1.60 1.47 -0.93
C GLY A 221 -1.60 1.47 -0.93
C GLY A 221 -1.54 1.49 -0.77
C GLY A 221 -1.54 1.49 -0.77
N THR A 222 -1.37 2.49 -0.13
N THR A 222 -1.37 2.49 -0.13
N THR A 222 -1.40 2.52 0.07
N THR A 222 -1.40 2.52 0.07
CA THR A 222 -1.70 3.90 -0.47
CA THR A 222 -1.70 3.90 -0.47
CA THR A 222 -1.71 3.92 -0.34
CA THR A 222 -1.71 3.92 -0.34
C THR A 222 -0.40 4.66 -0.61
C THR A 222 -0.40 4.66 -0.61
C THR A 222 -0.39 4.65 -0.56
C THR A 222 -0.39 4.65 -0.56
N THR A 223 -0.23 5.40 -1.70
N THR A 223 -0.23 5.40 -1.70
N THR A 223 -0.27 5.38 -1.67
N THR A 223 -0.27 5.38 -1.67
CA THR A 223 1.05 6.09 -2.00
CA THR A 223 1.05 6.09 -2.00
CA THR A 223 0.99 6.06 -2.03
CA THR A 223 0.99 6.06 -2.03
C THR A 223 1.31 7.22 -1.01
C THR A 223 1.31 7.22 -1.01
C THR A 223 1.30 7.21 -1.07
C THR A 223 1.30 7.21 -1.07
N LEU A 224 0.30 8.05 -0.81
N LEU A 224 0.30 8.05 -0.81
N LEU A 224 0.31 8.06 -0.83
N LEU A 224 0.31 8.06 -0.83
CA LEU A 224 0.49 9.37 -0.16
CA LEU A 224 0.49 9.37 -0.16
CA LEU A 224 0.52 9.37 -0.17
CA LEU A 224 0.52 9.37 -0.17
C LEU A 224 0.04 9.35 1.31
C LEU A 224 0.04 9.35 1.31
C LEU A 224 0.09 9.36 1.31
C LEU A 224 0.09 9.36 1.31
N LEU A 225 0.28 10.48 1.96
N LEU A 225 0.28 10.48 1.96
N LEU A 225 0.38 10.46 1.98
N LEU A 225 0.38 10.46 1.98
CA LEU A 225 -0.07 10.72 3.37
CA LEU A 225 -0.07 10.72 3.37
CA LEU A 225 -0.05 10.72 3.37
CA LEU A 225 -0.05 10.72 3.37
C LEU A 225 -1.31 11.61 3.36
C LEU A 225 -1.31 11.61 3.36
C LEU A 225 -1.30 11.59 3.34
C LEU A 225 -1.30 11.59 3.34
N TYR A 226 -2.43 11.08 3.83
CA TYR A 226 -3.72 11.80 3.84
C TYR A 226 -4.07 12.16 5.27
N LEU A 227 -4.15 13.44 5.57
CA LEU A 227 -4.32 13.94 6.94
C LEU A 227 -5.42 14.99 6.96
N PRO A 228 -5.90 15.37 8.16
CA PRO A 228 -6.98 16.36 8.22
C PRO A 228 -6.59 17.65 7.53
N ALA A 229 -7.59 18.34 6.98
CA ALA A 229 -7.38 19.57 6.22
C ALA A 229 -6.62 20.62 7.01
N THR A 230 -6.82 20.72 8.31
CA THR A 230 -6.09 21.71 9.14
C THR A 230 -4.59 21.43 9.05
N VAL A 231 -4.23 20.18 9.22
CA VAL A 231 -2.79 19.77 9.26
C VAL A 231 -2.18 20.02 7.90
N VAL A 232 -2.88 19.62 6.84
CA VAL A 232 -2.36 19.73 5.48
C VAL A 232 -2.20 21.19 5.10
N SER A 233 -3.18 22.05 5.45
CA SER A 233 -3.09 23.50 5.17
C SER A 233 -1.88 24.06 5.90
N ALA A 234 -1.65 23.68 7.15
CA ALA A 234 -0.47 24.15 7.90
C ALA A 234 0.84 23.76 7.23
N TYR A 235 0.91 22.57 6.66
CA TYR A 235 2.11 22.14 5.93
C TYR A 235 2.30 23.00 4.71
N TRP A 236 1.32 23.05 3.80
CA TRP A 236 1.53 23.69 2.51
C TRP A 236 1.62 25.23 2.62
N ALA A 237 1.16 25.81 3.72
CA ALA A 237 1.35 27.26 3.94
C ALA A 237 2.82 27.57 4.05
N GLN A 238 3.66 26.60 4.35
CA GLN A 238 5.12 26.86 4.46
C GLN A 238 5.82 26.76 3.11
N VAL A 239 5.11 26.52 2.01
CA VAL A 239 5.72 26.36 0.67
C VAL A 239 5.17 27.51 -0.18
N SER A 240 6.05 28.42 -0.59
N SER A 240 6.05 28.42 -0.58
N SER A 240 6.05 28.42 -0.59
N SER A 240 6.05 28.42 -0.58
CA SER A 240 5.70 29.57 -1.44
CA SER A 240 5.67 29.60 -1.40
CA SER A 240 5.70 29.57 -1.44
CA SER A 240 5.67 29.60 -1.40
C SER A 240 5.04 29.08 -2.72
C SER A 240 5.05 29.10 -2.71
C SER A 240 5.04 29.08 -2.72
C SER A 240 5.05 29.10 -2.71
N GLY A 241 3.83 29.57 -3.00
CA GLY A 241 3.12 29.27 -4.24
C GLY A 241 2.34 27.97 -4.19
N ALA A 242 2.34 27.23 -3.08
CA ALA A 242 1.55 25.99 -3.02
C ALA A 242 0.08 26.36 -2.90
N LYS A 243 -0.77 25.53 -3.49
CA LYS A 243 -2.21 25.78 -3.43
C LYS A 243 -2.91 24.46 -3.63
N SER A 244 -4.15 24.41 -3.21
CA SER A 244 -5.04 23.28 -3.50
C SER A 244 -5.72 23.55 -4.83
N SER A 245 -5.58 22.66 -5.77
CA SER A 245 -6.17 22.76 -7.12
C SER A 245 -7.29 21.71 -7.24
N SER A 246 -8.53 22.17 -7.39
N SER A 246 -8.53 22.19 -7.38
N SER A 246 -8.53 22.17 -7.39
N SER A 246 -8.53 22.19 -7.38
CA SER A 246 -9.70 21.29 -7.64
CA SER A 246 -9.72 21.36 -7.66
CA SER A 246 -9.70 21.29 -7.64
CA SER A 246 -9.72 21.36 -7.66
C SER A 246 -9.54 20.61 -9.01
C SER A 246 -9.54 20.62 -9.00
C SER A 246 -9.54 20.61 -9.01
C SER A 246 -9.54 20.62 -9.00
N SER A 247 -8.94 21.29 -9.99
CA SER A 247 -8.74 20.71 -11.35
C SER A 247 -7.72 19.57 -11.31
N VAL A 248 -6.67 19.71 -10.51
CA VAL A 248 -5.65 18.62 -10.45
C VAL A 248 -6.08 17.57 -9.44
N GLY A 249 -6.78 17.97 -8.39
CA GLY A 249 -7.28 17.04 -7.37
C GLY A 249 -6.40 16.99 -6.12
N GLY A 250 -5.80 18.11 -5.75
CA GLY A 250 -5.09 18.22 -4.48
C GLY A 250 -4.09 19.34 -4.53
N TYR A 251 -3.30 19.41 -3.49
CA TYR A 251 -2.24 20.40 -3.35
C TYR A 251 -1.17 20.17 -4.39
N VAL A 252 -0.81 21.27 -5.02
CA VAL A 252 0.32 21.37 -5.99
C VAL A 252 1.24 22.46 -5.48
N PHE A 253 2.46 22.44 -5.97
CA PHE A 253 3.47 23.38 -5.54
C PHE A 253 4.43 23.63 -6.69
N PRO A 254 5.12 24.77 -6.67
CA PRO A 254 6.11 25.04 -7.72
C PRO A 254 7.21 24.01 -7.68
N CYS A 255 7.53 23.41 -8.83
CA CYS A 255 8.60 22.40 -8.85
C CYS A 255 9.96 22.99 -8.44
N SER A 256 10.11 24.29 -8.47
CA SER A 256 11.35 24.98 -8.01
C SER A 256 11.46 25.02 -6.51
N ALA A 257 10.43 24.62 -5.75
CA ALA A 257 10.44 24.74 -4.27
C ALA A 257 11.36 23.70 -3.66
N THR A 258 11.88 24.02 -2.49
CA THR A 258 12.50 23.04 -1.58
C THR A 258 11.47 22.79 -0.49
N LEU A 259 11.00 21.56 -0.31
CA LEU A 259 9.89 21.27 0.63
C LEU A 259 10.47 21.11 2.04
N PRO A 260 9.70 21.53 3.03
CA PRO A 260 10.04 21.26 4.43
C PRO A 260 9.70 19.80 4.76
N SER A 261 10.35 19.34 5.80
CA SER A 261 10.05 18.02 6.36
C SER A 261 8.69 18.06 7.06
N PHE A 262 8.16 16.90 7.38
CA PHE A 262 6.94 16.73 8.15
C PHE A 262 7.23 15.68 9.22
N THR A 263 6.95 16.01 10.46
CA THR A 263 7.14 15.07 11.58
C THR A 263 5.81 14.58 12.07
N PHE A 264 5.66 13.30 12.33
CA PHE A 264 4.48 12.80 13.03
C PHE A 264 4.88 12.08 14.33
N GLY A 265 4.00 12.16 15.31
CA GLY A 265 4.26 11.56 16.62
C GLY A 265 3.75 10.14 16.70
N VAL A 266 4.56 9.30 17.36
CA VAL A 266 4.20 7.93 17.78
C VAL A 266 4.49 7.90 19.28
N GLY A 267 3.42 7.99 20.06
CA GLY A 267 3.64 8.19 21.50
C GLY A 267 4.53 9.38 21.69
N SER A 268 5.55 9.27 22.53
N SER A 268 5.58 9.24 22.52
N SER A 268 5.55 9.27 22.53
N SER A 268 5.58 9.24 22.52
CA SER A 268 6.53 10.36 22.78
CA SER A 268 6.56 10.31 22.80
CA SER A 268 6.53 10.36 22.78
CA SER A 268 6.56 10.31 22.80
C SER A 268 7.62 10.40 21.70
C SER A 268 7.63 10.39 21.71
C SER A 268 7.62 10.40 21.70
C SER A 268 7.63 10.39 21.71
N ALA A 269 7.63 9.46 20.75
CA ALA A 269 8.63 9.43 19.70
C ALA A 269 8.17 10.26 18.48
N ARG A 270 9.09 10.46 17.58
CA ARG A 270 8.85 11.34 16.41
C ARG A 270 9.46 10.67 15.20
N ILE A 271 8.71 10.61 14.11
CA ILE A 271 9.22 10.14 12.79
C ILE A 271 9.25 11.36 11.88
N VAL A 272 10.40 11.56 11.26
CA VAL A 272 10.59 12.74 10.39
C VAL A 272 10.58 12.27 8.94
N ILE A 273 9.64 12.82 8.18
CA ILE A 273 9.54 12.58 6.73
C ILE A 273 10.32 13.69 6.05
N PRO A 274 11.47 13.43 5.41
CA PRO A 274 12.20 14.49 4.73
C PRO A 274 11.32 15.13 3.66
N GLY A 275 11.61 16.42 3.41
CA GLY A 275 10.87 17.16 2.38
C GLY A 275 10.86 16.49 1.03
N ASP A 276 11.98 15.89 0.64
N ASP A 276 11.95 15.89 0.58
N ASP A 276 11.98 15.89 0.64
N ASP A 276 11.95 15.89 0.58
CA ASP A 276 12.08 15.28 -0.71
CA ASP A 276 11.98 15.34 -0.81
CA ASP A 276 12.08 15.28 -0.71
CA ASP A 276 11.98 15.34 -0.81
C ASP A 276 11.05 14.15 -0.85
C ASP A 276 11.15 14.05 -0.89
C ASP A 276 11.05 14.15 -0.85
C ASP A 276 11.15 14.05 -0.89
N TYR A 277 10.70 13.48 0.24
CA TYR A 277 9.75 12.36 0.18
C TYR A 277 8.36 12.87 -0.25
N ILE A 278 8.09 14.17 -0.07
CA ILE A 278 6.75 14.77 -0.28
C ILE A 278 6.63 15.28 -1.71
N ASP A 279 7.68 15.18 -2.51
CA ASP A 279 7.65 15.62 -3.94
C ASP A 279 7.25 14.47 -4.86
N PHE A 280 6.08 14.57 -5.48
CA PHE A 280 5.58 13.57 -6.45
C PHE A 280 5.68 14.10 -7.90
N GLY A 281 6.49 15.12 -8.10
CA GLY A 281 6.95 15.48 -9.45
C GLY A 281 5.84 16.19 -10.23
N PRO A 282 6.17 16.51 -11.51
CA PRO A 282 5.28 17.30 -12.34
C PRO A 282 3.89 16.68 -12.44
N ILE A 283 2.86 17.51 -12.45
CA ILE A 283 1.47 16.99 -12.55
C ILE A 283 1.26 16.33 -13.90
N SER A 284 1.91 16.79 -14.92
CA SER A 284 1.92 16.25 -16.30
C SER A 284 3.32 16.44 -16.80
N THR A 285 3.72 15.62 -17.77
CA THR A 285 5.07 15.69 -18.25
C THR A 285 5.47 17.11 -18.67
N GLY A 286 6.57 17.66 -18.18
CA GLY A 286 7.10 18.96 -18.53
C GLY A 286 6.52 20.12 -17.75
N SER A 287 5.51 19.85 -16.91
CA SER A 287 4.89 20.93 -16.10
C SER A 287 5.86 21.44 -15.04
N SER A 288 5.78 22.70 -14.74
CA SER A 288 6.47 23.25 -13.55
C SER A 288 5.60 23.25 -12.28
N SER A 289 4.40 22.67 -12.34
N SER A 289 4.40 22.68 -12.34
N SER A 289 4.40 22.67 -12.34
N SER A 289 4.40 22.68 -12.34
CA SER A 289 3.55 22.41 -11.15
CA SER A 289 3.53 22.43 -11.18
CA SER A 289 3.55 22.41 -11.15
CA SER A 289 3.53 22.43 -11.18
C SER A 289 3.77 20.97 -10.72
C SER A 289 3.75 20.99 -10.72
C SER A 289 3.77 20.97 -10.72
C SER A 289 3.75 20.99 -10.72
N CYS A 290 4.12 20.81 -9.45
CA CYS A 290 4.45 19.50 -8.89
C CYS A 290 3.35 19.06 -7.91
N PHE A 291 3.15 17.76 -7.85
CA PHE A 291 2.07 17.22 -7.00
C PHE A 291 2.60 16.92 -5.60
N GLY A 292 1.84 17.34 -4.59
CA GLY A 292 2.27 17.13 -3.22
C GLY A 292 2.00 15.73 -2.69
N GLY A 293 2.88 15.30 -1.79
CA GLY A 293 2.74 13.97 -1.20
C GLY A 293 1.97 13.93 0.10
N ILE A 294 1.57 15.09 0.60
CA ILE A 294 0.67 15.23 1.76
C ILE A 294 -0.60 15.85 1.22
N GLN A 295 -1.73 15.20 1.43
CA GLN A 295 -3.01 15.64 0.87
C GLN A 295 -4.07 15.53 1.94
N SER A 296 -5.17 16.23 1.74
CA SER A 296 -6.29 16.19 2.69
C SER A 296 -7.01 14.85 2.62
N SER A 297 -7.37 14.36 3.80
CA SER A 297 -8.25 13.19 3.93
C SER A 297 -9.73 13.57 3.98
N ALA A 298 -10.06 14.85 3.87
N ALA A 298 -10.06 14.85 3.84
N ALA A 298 -10.06 14.85 3.87
N ALA A 298 -10.06 14.85 3.84
CA ALA A 298 -11.48 15.29 3.92
CA ALA A 298 -11.44 15.33 4.11
CA ALA A 298 -11.48 15.29 3.92
CA ALA A 298 -11.44 15.33 4.11
C ALA A 298 -12.23 14.68 2.74
C ALA A 298 -12.48 14.56 3.27
C ALA A 298 -12.23 14.68 2.74
C ALA A 298 -12.48 14.56 3.27
N GLY A 299 -13.29 13.93 3.02
N GLY A 299 -12.15 14.18 2.04
N GLY A 299 -13.29 13.93 3.02
N GLY A 299 -12.15 14.18 2.04
CA GLY A 299 -14.13 13.28 2.01
CA GLY A 299 -13.08 13.52 1.10
CA GLY A 299 -14.13 13.28 2.01
CA GLY A 299 -13.08 13.52 1.10
C GLY A 299 -13.76 11.81 1.89
C GLY A 299 -13.06 11.99 1.24
C GLY A 299 -13.76 11.81 1.89
C GLY A 299 -13.06 11.99 1.24
N ILE A 300 -12.55 11.44 2.32
N ILE A 300 -12.25 11.44 2.15
N ILE A 300 -12.55 11.44 2.32
N ILE A 300 -12.25 11.44 2.15
CA ILE A 300 -12.09 10.01 2.29
CA ILE A 300 -12.01 9.96 2.32
CA ILE A 300 -12.09 10.01 2.29
CA ILE A 300 -12.01 9.96 2.32
C ILE A 300 -12.64 9.33 3.54
C ILE A 300 -12.83 9.39 3.48
C ILE A 300 -12.64 9.33 3.54
C ILE A 300 -12.83 9.39 3.48
N GLY A 301 -12.90 10.08 4.62
CA GLY A 301 -13.52 9.54 5.83
C GLY A 301 -12.55 8.85 6.76
N ILE A 302 -11.26 8.80 6.42
CA ILE A 302 -10.21 8.26 7.32
C ILE A 302 -8.87 8.91 6.95
N ASN A 303 -8.03 9.05 7.94
CA ASN A 303 -6.65 9.50 7.69
C ASN A 303 -5.82 8.28 7.30
N ILE A 304 -4.88 8.47 6.40
CA ILE A 304 -4.11 7.32 5.84
C ILE A 304 -2.63 7.64 5.93
N PHE A 305 -1.92 6.89 6.76
CA PHE A 305 -0.46 6.92 6.78
C PHE A 305 0.01 5.96 5.70
N GLY A 306 0.08 6.47 4.47
CA GLY A 306 0.52 5.70 3.32
C GLY A 306 2.03 5.71 3.17
N ASP A 307 2.48 5.31 2.00
CA ASP A 307 3.92 5.05 1.79
C ASP A 307 4.78 6.27 2.14
N VAL A 308 4.33 7.48 1.82
CA VAL A 308 5.11 8.69 2.13
C VAL A 308 5.52 8.69 3.60
N ALA A 309 4.61 8.36 4.48
CA ALA A 309 4.92 8.31 5.93
C ALA A 309 5.67 7.02 6.27
N LEU A 310 5.17 5.88 5.82
CA LEU A 310 5.74 4.60 6.26
C LEU A 310 7.18 4.42 5.82
N LYS A 311 7.53 4.92 4.64
N LYS A 311 7.55 4.92 4.65
N LYS A 311 7.53 4.92 4.64
N LYS A 311 7.55 4.92 4.65
CA LYS A 311 8.90 4.73 4.11
CA LYS A 311 8.94 4.68 4.16
CA LYS A 311 8.90 4.73 4.11
CA LYS A 311 8.94 4.68 4.16
C LYS A 311 9.93 5.50 4.95
C LYS A 311 9.94 5.51 4.95
C LYS A 311 9.93 5.50 4.95
C LYS A 311 9.94 5.51 4.95
N ALA A 312 9.49 6.47 5.76
CA ALA A 312 10.39 7.18 6.70
C ALA A 312 10.70 6.35 7.95
N ALA A 313 10.09 5.18 8.09
CA ALA A 313 10.22 4.40 9.34
C ALA A 313 10.45 2.94 9.02
N PHE A 314 10.90 2.24 10.05
CA PHE A 314 10.82 0.77 10.13
C PHE A 314 9.55 0.47 10.91
N VAL A 315 8.62 -0.25 10.33
CA VAL A 315 7.27 -0.38 10.88
C VAL A 315 7.02 -1.84 11.20
N VAL A 316 6.62 -2.08 12.45
CA VAL A 316 6.29 -3.44 12.95
C VAL A 316 4.78 -3.59 13.03
N PHE A 317 4.25 -4.56 12.31
CA PHE A 317 2.85 -4.94 12.35
C PHE A 317 2.79 -6.15 13.27
N ASN A 318 2.48 -5.91 14.54
CA ASN A 318 2.47 -6.95 15.60
C ASN A 318 1.09 -7.58 15.67
N GLY A 319 0.96 -8.81 15.19
CA GLY A 319 -0.28 -9.59 15.13
C GLY A 319 -0.45 -10.50 16.34
N ALA A 320 0.09 -10.14 17.48
CA ALA A 320 -0.21 -10.83 18.76
C ALA A 320 -1.71 -10.70 19.07
N THR A 321 -2.15 -11.47 20.08
CA THR A 321 -3.59 -11.55 20.45
C THR A 321 -4.18 -10.13 20.55
N THR A 322 -3.44 -9.22 21.18
CA THR A 322 -3.75 -7.77 21.11
C THR A 322 -2.76 -7.13 20.13
N PRO A 323 -3.20 -6.84 18.90
CA PRO A 323 -2.25 -6.26 17.92
C PRO A 323 -1.75 -4.90 18.36
N THR A 324 -0.55 -4.55 17.90
CA THR A 324 0.01 -3.21 18.10
C THR A 324 0.82 -2.87 16.85
N LEU A 325 1.13 -1.59 16.69
N LEU A 325 1.30 -1.64 16.82
N LEU A 325 1.13 -1.59 16.69
N LEU A 325 1.30 -1.64 16.82
CA LEU A 325 2.10 -1.11 15.66
CA LEU A 325 2.07 -1.08 15.69
CA LEU A 325 2.10 -1.11 15.66
CA LEU A 325 2.07 -1.08 15.69
C LEU A 325 3.35 -0.61 16.35
C LEU A 325 3.34 -0.41 16.23
C LEU A 325 3.35 -0.61 16.35
C LEU A 325 3.34 -0.41 16.23
N GLY A 326 4.51 -0.82 15.73
CA GLY A 326 5.75 -0.26 16.16
C GLY A 326 6.38 0.61 15.09
N PHE A 327 6.92 1.73 15.46
CA PHE A 327 7.68 2.61 14.56
C PHE A 327 9.04 2.89 15.07
N ALA A 328 10.07 2.79 14.25
CA ALA A 328 11.43 3.23 14.57
C ALA A 328 11.91 4.12 13.44
N SER A 329 12.78 5.03 13.75
CA SER A 329 13.60 5.74 12.75
C SER A 329 14.58 4.76 12.10
N LYS A 330 15.15 5.14 10.94
CA LYS A 330 16.11 4.24 10.26
C LYS A 330 17.07 5.04 9.40
C10 A1CFM B . -3.20 4.30 -8.44
C10 A1CFM B . -3.20 4.30 -8.44
N12 A1CFM B . -1.28 3.23 -8.76
N12 A1CFM B . -1.28 3.23 -8.76
C13 A1CFM B . 0.17 2.87 -8.90
C13 A1CFM B . 0.17 2.87 -8.90
C01 A1CFM B . -2.39 -0.49 -7.02
C01 A1CFM B . -2.39 -0.49 -7.02
C02 A1CFM B . -3.66 -0.02 -6.40
C02 A1CFM B . -3.66 -0.02 -6.40
N03 A1CFM B . -3.89 -0.09 -5.01
N03 A1CFM B . -3.89 -0.09 -5.01
N04 A1CFM B . -5.16 0.42 -4.83
N04 A1CFM B . -5.16 0.42 -4.83
C05 A1CFM B . -5.73 0.83 -6.02
C05 A1CFM B . -5.73 0.83 -6.02
C06 A1CFM B . -4.82 0.57 -7.05
C06 A1CFM B . -4.82 0.57 -7.05
C07 A1CFM B . -5.01 0.89 -8.52
C07 A1CFM B . -5.01 0.89 -8.52
N08 A1CFM B . -4.72 2.30 -8.85
N08 A1CFM B . -4.72 2.30 -8.85
C09 A1CFM B . -3.51 2.95 -8.75
C09 A1CFM B . -3.51 2.95 -8.75
C11 A1CFM B . -1.81 4.48 -8.45
C11 A1CFM B . -1.81 4.48 -8.45
N14 A1CFM B . -2.28 2.30 -8.95
N14 A1CFM B . -2.28 2.30 -8.95
S DMS C . -2.87 4.84 -4.71
S DMS C . -2.87 4.84 -4.71
O DMS C . -2.73 5.36 -3.30
O DMS C . -2.73 5.36 -3.30
C1 DMS C . -4.54 4.25 -4.89
C1 DMS C . -4.54 4.25 -4.89
C2 DMS C . -2.01 3.29 -4.77
C2 DMS C . -2.01 3.29 -4.77
#